data_3R2T
#
_entry.id   3R2T
#
_cell.length_a   51.701
_cell.length_b   72.314
_cell.length_c   123.960
_cell.angle_alpha   90.00
_cell.angle_beta   90.00
_cell.angle_gamma   90.00
#
_symmetry.space_group_name_H-M   'P 21 21 21'
#
loop_
_entity.id
_entity.type
_entity.pdbx_description
1 polymer 'Putative uncharacterized protein'
2 non-polymer 'SULFATE ION'
3 water water
#
_entity_poly.entity_id   1
_entity_poly.type   'polypeptide(L)'
_entity_poly.pdbx_seq_one_letter_code
;MGSSHHHHHHENLYFQGMKFTVIAKAIFILGILTTSVMITENQSVNAKGKYEKMNRLYDTNKLHQYYSGPSYELTNVSGQ
SQGYYDSNVLLFNQQNQKFQVFLLGKDENKYKEKTHGLDVFAVPELVDLDGRIFSVSGVTKKNVKSIFESLRTPNLLVKK
IDDKDGFSIDEFFFIQKEEVSLKELDFKIRKLLIKKYKLYEGSADKGRIVINMKDENKYEIDLSDKLDFERMADVINSEQ
IKNIEVNLK
;
_entity_poly.pdbx_strand_id   A,B
#
# COMPACT_ATOMS: atom_id res chain seq x y z
N ASN A 55 4.00 -25.48 8.06
CA ASN A 55 4.86 -24.52 7.30
C ASN A 55 3.97 -23.44 6.66
N ARG A 56 3.30 -23.78 5.56
CA ARG A 56 2.37 -22.85 4.88
C ARG A 56 0.94 -23.10 5.38
N LEU A 57 0.68 -24.33 5.82
CA LEU A 57 -0.64 -24.73 6.33
C LEU A 57 -0.88 -24.06 7.69
N TYR A 58 0.19 -23.89 8.46
CA TYR A 58 0.12 -23.22 9.76
C TYR A 58 -0.40 -21.79 9.60
N ASP A 59 -0.01 -21.12 8.50
CA ASP A 59 -0.46 -19.75 8.21
C ASP A 59 -1.97 -19.74 7.94
N THR A 60 -2.44 -20.75 7.19
CA THR A 60 -3.86 -20.90 6.88
C THR A 60 -4.69 -21.20 8.14
N ASN A 61 -4.18 -22.05 9.02
CA ASN A 61 -4.91 -22.36 10.26
C ASN A 61 -5.15 -21.10 11.09
N LYS A 62 -4.12 -20.27 11.24
CA LYS A 62 -4.28 -18.99 11.95
C LYS A 62 -5.29 -18.07 11.27
N LEU A 63 -5.30 -18.02 9.93
CA LEU A 63 -6.25 -17.16 9.20
C LEU A 63 -7.67 -17.68 9.38
N HIS A 64 -7.81 -19.01 9.32
CA HIS A 64 -9.09 -19.64 9.52
C HIS A 64 -9.59 -19.32 10.93
N GLN A 65 -8.72 -19.51 11.91
CA GLN A 65 -9.07 -19.26 13.30
C GLN A 65 -9.60 -17.85 13.50
N TYR A 66 -8.84 -16.87 13.03
CA TYR A 66 -9.20 -15.45 13.17
C TYR A 66 -10.48 -15.04 12.46
N TYR A 67 -10.60 -15.39 11.19
CA TYR A 67 -11.77 -14.98 10.40
C TYR A 67 -13.03 -15.80 10.68
N SER A 68 -12.91 -16.93 11.39
CA SER A 68 -14.07 -17.71 11.76
C SER A 68 -14.40 -17.43 13.23
N GLY A 69 -13.57 -16.61 13.88
CA GLY A 69 -13.76 -16.25 15.28
C GLY A 69 -14.78 -15.14 15.58
N PRO A 70 -14.80 -14.67 16.83
CA PRO A 70 -15.74 -13.64 17.26
C PRO A 70 -15.46 -12.23 16.71
N SER A 71 -16.53 -11.47 16.52
CA SER A 71 -16.45 -10.07 16.10
C SER A 71 -17.53 -9.38 16.91
N TYR A 72 -17.49 -8.05 16.97
CA TYR A 72 -18.46 -7.30 17.75
C TYR A 72 -18.78 -5.98 17.09
N GLU A 73 -20.06 -5.58 17.14
CA GLU A 73 -20.49 -4.31 16.58
C GLU A 73 -20.99 -3.41 17.71
N LEU A 74 -20.27 -2.33 17.95
CA LEU A 74 -20.59 -1.38 18.99
C LEU A 74 -21.12 -0.13 18.31
N THR A 75 -22.14 0.50 18.88
CA THR A 75 -22.74 1.66 18.25
C THR A 75 -22.94 2.85 19.17
N ASN A 76 -22.88 4.05 18.58
CA ASN A 76 -23.06 5.32 19.27
C ASN A 76 -22.24 5.38 20.55
N VAL A 77 -20.95 5.08 20.40
CA VAL A 77 -20.00 5.09 21.51
C VAL A 77 -19.31 6.44 21.61
N SER A 78 -18.94 6.79 22.84
CA SER A 78 -18.26 8.04 23.14
C SER A 78 -16.87 7.69 23.64
N GLY A 79 -15.87 8.41 23.18
CA GLY A 79 -14.51 8.13 23.63
C GLY A 79 -13.50 9.22 23.38
N GLN A 80 -12.34 9.03 23.99
CA GLN A 80 -11.21 9.93 23.90
C GLN A 80 -9.95 9.08 23.91
N SER A 81 -9.01 9.39 23.04
N SER A 81 -9.00 9.41 23.05
CA SER A 81 -7.77 8.62 22.95
CA SER A 81 -7.75 8.69 22.94
C SER A 81 -6.84 8.90 24.14
C SER A 81 -6.84 8.91 24.16
N GLN A 82 -6.11 7.87 24.55
CA GLN A 82 -5.14 7.95 25.65
C GLN A 82 -3.99 7.05 25.31
N GLY A 83 -2.87 7.29 25.94
CA GLY A 83 -1.69 6.52 25.70
C GLY A 83 -1.68 5.20 26.41
N TYR A 84 -1.30 4.17 25.67
CA TYR A 84 -1.09 2.83 26.18
C TYR A 84 0.28 2.54 25.57
N TYR A 85 1.33 2.85 26.36
N TYR A 85 1.32 2.89 26.34
CA TYR A 85 2.72 2.70 25.95
CA TYR A 85 2.72 2.74 25.93
C TYR A 85 2.90 3.59 24.72
C TYR A 85 2.91 3.56 24.65
N ASP A 86 3.36 3.04 23.60
N ASP A 86 3.36 2.97 23.55
CA ASP A 86 3.57 3.88 22.43
CA ASP A 86 3.61 3.79 22.36
C ASP A 86 2.43 3.80 21.40
C ASP A 86 2.43 3.78 21.38
N SER A 87 1.25 3.40 21.86
CA SER A 87 0.06 3.35 21.03
C SER A 87 -0.95 4.33 21.63
N ASN A 88 -1.87 4.80 20.80
CA ASN A 88 -2.97 5.63 21.21
C ASN A 88 -4.16 4.69 21.15
N VAL A 89 -4.94 4.60 22.22
CA VAL A 89 -6.05 3.69 22.25
C VAL A 89 -7.32 4.34 22.79
N LEU A 90 -8.44 3.67 22.54
CA LEU A 90 -9.75 4.06 23.01
C LEU A 90 -10.30 2.91 23.84
N LEU A 91 -10.74 3.20 25.04
CA LEU A 91 -11.34 2.20 25.91
C LEU A 91 -12.82 2.48 26.09
N PHE A 92 -13.61 1.44 26.28
CA PHE A 92 -15.02 1.60 26.58
C PHE A 92 -15.62 0.27 26.96
N ASN A 93 -16.83 0.34 27.52
CA ASN A 93 -17.56 -0.82 27.99
C ASN A 93 -18.99 -0.90 27.49
N GLN A 94 -19.19 -1.10 26.20
CA GLN A 94 -20.55 -1.27 25.68
C GLN A 94 -20.95 -2.74 25.90
N GLN A 95 -22.24 -2.99 26.13
CA GLN A 95 -22.73 -4.34 26.40
C GLN A 95 -22.03 -4.75 27.72
N ASN A 96 -21.91 -6.05 27.98
CA ASN A 96 -21.21 -6.48 29.19
C ASN A 96 -19.78 -6.88 28.84
N GLN A 97 -19.21 -6.16 27.86
CA GLN A 97 -17.84 -6.35 27.40
C GLN A 97 -17.03 -5.07 27.48
N LYS A 98 -15.72 -5.25 27.73
CA LYS A 98 -14.76 -4.15 27.83
C LYS A 98 -13.86 -4.17 26.61
N PHE A 99 -13.61 -3.01 26.02
CA PHE A 99 -12.79 -2.92 24.81
C PHE A 99 -11.65 -1.92 24.91
N GLN A 100 -10.64 -2.16 24.06
CA GLN A 100 -9.48 -1.30 23.93
C GLN A 100 -9.06 -1.33 22.47
N VAL A 101 -9.36 -0.24 21.78
CA VAL A 101 -9.12 -0.10 20.37
C VAL A 101 -7.86 0.67 20.09
N PHE A 102 -6.93 0.00 19.45
CA PHE A 102 -5.66 0.59 19.09
C PHE A 102 -5.82 1.34 17.78
N LEU A 103 -5.50 2.64 17.81
CA LEU A 103 -5.61 3.50 16.64
C LEU A 103 -4.29 3.43 15.89
N LEU A 104 -4.11 2.40 15.08
CA LEU A 104 -2.85 2.16 14.36
C LEU A 104 -2.71 2.64 12.92
N GLY A 105 -3.75 3.23 12.32
CA GLY A 105 -3.64 3.67 10.92
C GLY A 105 -3.84 5.17 10.77
N LYS A 106 -4.79 5.56 9.91
CA LYS A 106 -5.09 6.98 9.69
C LYS A 106 -5.79 7.58 10.91
N ASP A 107 -6.19 6.73 11.84
CA ASP A 107 -6.89 7.17 13.05
C ASP A 107 -5.96 7.53 14.21
N GLU A 108 -4.68 7.24 14.05
CA GLU A 108 -3.67 7.46 15.11
C GLU A 108 -3.81 8.74 15.94
N ASN A 109 -4.13 9.85 15.28
N ASN A 109 -3.93 9.89 15.27
CA ASN A 109 -4.29 11.15 15.96
CA ASN A 109 -4.01 11.18 15.96
C ASN A 109 -5.63 11.84 15.68
C ASN A 109 -5.42 11.68 16.21
N LYS A 110 -6.76 11.14 15.83
N LYS A 110 -6.42 10.85 15.89
CA LYS A 110 -8.08 11.76 15.57
CA LYS A 110 -7.79 11.24 16.07
C LYS A 110 -9.08 11.92 16.72
C LYS A 110 -8.27 11.03 17.49
N TYR A 111 -8.84 11.28 17.86
N TYR A 111 -9.39 11.69 17.79
CA TYR A 111 -9.81 11.41 18.95
CA TYR A 111 -10.07 11.53 19.06
C TYR A 111 -9.15 11.88 20.24
C TYR A 111 -9.30 12.00 20.30
N LYS A 112 -8.39 12.97 20.13
CA LYS A 112 -7.66 13.52 21.27
C LYS A 112 -8.64 14.13 22.28
N GLU A 113 -9.72 14.70 21.76
CA GLU A 113 -10.77 15.24 22.60
C GLU A 113 -11.94 14.24 22.56
N LYS A 114 -12.76 14.25 23.61
CA LYS A 114 -13.94 13.38 23.76
C LYS A 114 -14.81 13.52 22.50
N THR A 115 -15.06 12.39 21.85
CA THR A 115 -15.81 12.35 20.59
C THR A 115 -17.05 11.49 20.78
N HIS A 116 -18.19 11.98 20.31
CA HIS A 116 -19.47 11.25 20.42
C HIS A 116 -19.91 10.70 19.07
N GLY A 117 -20.87 9.78 19.11
CA GLY A 117 -21.46 9.20 17.92
C GLY A 117 -20.58 8.28 17.10
N LEU A 118 -19.79 7.45 17.75
CA LEU A 118 -18.94 6.55 17.00
C LEU A 118 -19.46 5.11 16.94
N ASP A 119 -19.11 4.40 15.87
CA ASP A 119 -19.42 2.97 15.70
C ASP A 119 -18.06 2.29 15.70
N VAL A 120 -18.01 1.06 16.18
CA VAL A 120 -16.77 0.35 16.25
C VAL A 120 -16.98 -1.09 15.92
N PHE A 121 -16.20 -1.59 14.95
CA PHE A 121 -16.23 -2.99 14.60
C PHE A 121 -14.96 -3.50 15.24
N ALA A 122 -15.09 -4.46 16.13
CA ALA A 122 -13.95 -4.99 16.87
C ALA A 122 -13.78 -6.49 16.71
N VAL A 123 -12.51 -6.90 16.62
CA VAL A 123 -12.10 -8.30 16.47
C VAL A 123 -10.94 -8.48 17.46
N PRO A 124 -10.97 -9.53 18.27
CA PRO A 124 -9.84 -9.61 19.19
C PRO A 124 -8.52 -10.04 18.56
N GLU A 125 -7.46 -9.28 18.81
CA GLU A 125 -6.10 -9.67 18.44
C GLU A 125 -5.67 -10.45 19.69
N LEU A 126 -6.13 -9.98 20.86
CA LEU A 126 -5.91 -10.67 22.14
C LEU A 126 -6.94 -10.19 23.18
N VAL A 127 -7.03 -10.91 24.29
CA VAL A 127 -7.91 -10.56 25.40
C VAL A 127 -7.03 -10.59 26.65
N ASP A 128 -6.97 -9.48 27.40
CA ASP A 128 -6.12 -9.44 28.61
C ASP A 128 -6.73 -10.21 29.76
N LEU A 129 -6.00 -10.31 30.86
CA LEU A 129 -6.46 -11.07 32.01
C LEU A 129 -7.79 -10.60 32.63
N ASP A 130 -8.16 -9.33 32.47
CA ASP A 130 -9.45 -8.87 33.04
C ASP A 130 -10.61 -8.89 32.03
N GLY A 131 -10.40 -9.56 30.91
CA GLY A 131 -11.41 -9.73 29.88
C GLY A 131 -11.52 -8.63 28.86
N ARG A 132 -10.64 -7.62 28.92
CA ARG A 132 -10.69 -6.52 27.95
C ARG A 132 -10.14 -6.99 26.60
N ILE A 133 -10.91 -6.72 25.56
CA ILE A 133 -10.63 -7.15 24.20
C ILE A 133 -9.81 -6.13 23.43
N PHE A 134 -8.61 -6.52 23.03
CA PHE A 134 -7.70 -5.67 22.26
C PHE A 134 -8.00 -5.80 20.78
N SER A 135 -8.38 -4.69 20.15
CA SER A 135 -8.70 -4.67 18.73
C SER A 135 -8.07 -3.45 18.07
N VAL A 136 -7.94 -3.52 16.74
CA VAL A 136 -7.33 -2.45 15.94
C VAL A 136 -8.29 -1.63 15.09
N SER A 137 -8.30 -0.33 15.31
CA SER A 137 -9.11 0.61 14.53
C SER A 137 -10.57 0.16 14.34
N GLY A 138 -11.09 0.19 13.11
CA GLY A 138 -12.49 -0.18 12.86
C GLY A 138 -13.48 0.84 13.38
N VAL A 139 -13.05 2.10 13.48
CA VAL A 139 -13.89 3.17 14.00
C VAL A 139 -14.44 4.01 12.87
N THR A 140 -15.73 4.37 12.97
CA THR A 140 -16.43 5.21 11.98
C THR A 140 -17.50 6.06 12.67
N LYS A 141 -18.11 6.98 11.90
N LYS A 141 -18.12 6.96 11.90
CA LYS A 141 -19.20 7.80 12.41
CA LYS A 141 -19.19 7.81 12.40
C LYS A 141 -20.47 6.98 12.25
C LYS A 141 -20.48 7.02 12.23
N LYS A 142 -21.41 7.17 13.16
CA LYS A 142 -22.68 6.45 13.10
C LYS A 142 -23.58 7.00 12.00
N ASN A 143 -24.61 6.23 11.66
CA ASN A 143 -25.56 6.63 10.65
C ASN A 143 -26.33 7.88 11.01
N VAL A 144 -26.52 8.74 10.03
CA VAL A 144 -27.30 9.97 10.19
C VAL A 144 -28.76 9.66 9.87
N LYS A 145 -28.99 8.77 8.91
CA LYS A 145 -30.35 8.39 8.50
C LYS A 145 -30.76 7.08 9.14
N SER A 146 -32.02 6.73 8.96
CA SER A 146 -32.57 5.51 9.50
C SER A 146 -32.07 4.32 8.71
N ILE A 147 -32.03 3.18 9.39
CA ILE A 147 -31.56 1.93 8.83
C ILE A 147 -32.02 1.60 7.39
N PHE A 148 -33.30 1.75 7.08
CA PHE A 148 -33.76 1.42 5.74
C PHE A 148 -33.51 2.49 4.70
N GLU A 149 -33.17 3.69 5.11
CA GLU A 149 -32.87 4.75 4.16
C GLU A 149 -31.42 4.58 3.71
N SER A 150 -30.55 4.19 4.66
CA SER A 150 -29.11 4.02 4.38
C SER A 150 -28.65 2.60 4.06
N LEU A 151 -29.61 1.69 3.86
CA LEU A 151 -29.32 0.30 3.54
C LEU A 151 -28.84 0.13 2.09
N ARG A 152 -27.71 -0.56 1.93
CA ARG A 152 -27.14 -0.85 0.61
C ARG A 152 -26.96 -2.35 0.44
N THR A 153 -27.28 -2.84 -0.77
CA THR A 153 -27.11 -4.25 -1.10
C THR A 153 -26.37 -4.42 -2.42
N PRO A 154 -25.11 -4.04 -2.44
CA PRO A 154 -24.35 -4.24 -3.65
C PRO A 154 -24.10 -5.73 -3.89
N ASN A 155 -24.00 -6.15 -5.15
N ASN A 155 -23.94 -6.11 -5.16
CA ASN A 155 -23.76 -7.56 -5.44
CA ASN A 155 -23.70 -7.48 -5.53
C ASN A 155 -22.38 -7.96 -4.97
C ASN A 155 -22.34 -7.96 -5.01
N LEU A 156 -22.31 -9.17 -4.44
CA LEU A 156 -21.07 -9.79 -3.99
C LEU A 156 -20.93 -10.92 -5.02
N LEU A 157 -19.96 -10.83 -5.92
CA LEU A 157 -19.75 -11.86 -6.91
C LEU A 157 -18.57 -12.70 -6.48
N VAL A 158 -18.78 -14.00 -6.29
CA VAL A 158 -17.69 -14.88 -5.89
C VAL A 158 -17.38 -15.79 -7.07
N LYS A 159 -16.11 -15.82 -7.47
CA LYS A 159 -15.67 -16.58 -8.62
C LYS A 159 -14.36 -17.36 -8.47
N LYS A 160 -14.26 -18.36 -9.33
CA LYS A 160 -13.11 -19.23 -9.49
C LYS A 160 -13.13 -19.52 -10.98
N ILE A 161 -12.05 -19.15 -11.67
N ILE A 161 -12.06 -19.16 -11.68
CA ILE A 161 -11.96 -19.36 -13.13
CA ILE A 161 -11.99 -19.36 -13.13
C ILE A 161 -11.05 -20.51 -13.46
C ILE A 161 -11.06 -20.50 -13.48
N ASP A 162 -11.39 -21.70 -12.97
CA ASP A 162 -10.59 -22.88 -13.24
C ASP A 162 -11.32 -23.66 -14.35
N ASP A 163 -10.57 -24.14 -15.33
CA ASP A 163 -11.13 -24.85 -16.49
C ASP A 163 -12.41 -25.68 -16.23
N LYS A 164 -12.28 -26.83 -15.58
CA LYS A 164 -13.44 -27.71 -15.29
C LYS A 164 -13.87 -27.74 -13.81
N ASP A 165 -13.38 -26.79 -13.02
CA ASP A 165 -13.77 -26.69 -11.62
C ASP A 165 -13.92 -25.23 -11.23
N GLY A 166 -14.64 -24.48 -12.06
CA GLY A 166 -14.85 -23.07 -11.81
C GLY A 166 -16.30 -22.75 -11.52
N PHE A 167 -16.55 -21.49 -11.19
CA PHE A 167 -17.91 -21.03 -10.91
C PHE A 167 -18.00 -19.53 -10.81
N SER A 168 -19.22 -19.04 -10.88
CA SER A 168 -19.54 -17.63 -10.77
C SER A 168 -20.88 -17.56 -10.04
N ILE A 169 -20.85 -17.11 -8.78
CA ILE A 169 -22.03 -17.07 -7.91
C ILE A 169 -22.33 -15.69 -7.28
N ASP A 170 -23.56 -15.21 -7.45
CA ASP A 170 -24.01 -13.95 -6.85
C ASP A 170 -24.42 -14.23 -5.44
N GLU A 171 -23.76 -13.57 -4.49
CA GLU A 171 -24.08 -13.75 -3.07
C GLU A 171 -24.75 -12.50 -2.56
N PHE A 172 -25.78 -12.67 -1.74
CA PHE A 172 -26.45 -11.52 -1.14
C PHE A 172 -25.51 -10.93 -0.08
N PHE A 173 -25.36 -9.61 -0.05
CA PHE A 173 -24.50 -8.96 0.93
C PHE A 173 -25.17 -7.65 1.24
N PHE A 174 -25.19 -7.26 2.50
CA PHE A 174 -25.80 -6.00 2.87
C PHE A 174 -24.89 -5.26 3.82
N ILE A 175 -24.89 -3.94 3.67
CA ILE A 175 -24.11 -3.06 4.50
C ILE A 175 -25.12 -2.17 5.20
N GLN A 176 -25.09 -2.22 6.52
CA GLN A 176 -25.98 -1.42 7.36
C GLN A 176 -25.53 0.04 7.59
N LYS A 177 -24.23 0.28 7.53
CA LYS A 177 -23.68 1.60 7.78
C LYS A 177 -23.39 2.45 6.55
N GLU A 178 -23.61 3.76 6.69
CA GLU A 178 -23.32 4.75 5.63
C GLU A 178 -21.81 4.86 5.45
N GLU A 179 -21.11 4.78 6.57
CA GLU A 179 -19.66 4.82 6.59
C GLU A 179 -19.23 3.48 7.19
N VAL A 180 -18.51 2.67 6.43
CA VAL A 180 -18.08 1.39 6.88
C VAL A 180 -16.55 1.22 6.75
N SER A 181 -15.91 0.65 7.77
CA SER A 181 -14.47 0.46 7.74
C SER A 181 -14.14 -0.71 6.83
N LEU A 182 -12.95 -0.67 6.23
CA LEU A 182 -12.48 -1.73 5.37
C LEU A 182 -12.30 -2.98 6.25
N LYS A 183 -11.97 -2.77 7.51
CA LYS A 183 -11.81 -3.83 8.48
C LYS A 183 -13.08 -4.66 8.54
N GLU A 184 -14.23 -3.99 8.70
CA GLU A 184 -15.52 -4.69 8.80
C GLU A 184 -15.88 -5.45 7.51
N LEU A 185 -15.68 -4.80 6.36
CA LEU A 185 -15.98 -5.45 5.07
C LEU A 185 -15.08 -6.66 4.89
N ASP A 186 -13.78 -6.48 5.13
CA ASP A 186 -12.79 -7.55 5.02
C ASP A 186 -13.14 -8.78 5.86
N PHE A 187 -13.50 -8.54 7.12
CA PHE A 187 -13.80 -9.60 8.06
C PHE A 187 -15.09 -10.32 7.70
N LYS A 188 -16.14 -9.56 7.41
CA LYS A 188 -17.43 -10.16 7.06
C LYS A 188 -17.38 -10.91 5.75
N ILE A 189 -16.64 -10.38 4.78
CA ILE A 189 -16.55 -11.07 3.54
C ILE A 189 -15.80 -12.39 3.77
N ARG A 190 -14.66 -12.38 4.43
CA ARG A 190 -13.92 -13.65 4.65
C ARG A 190 -14.71 -14.66 5.46
N LYS A 191 -15.45 -14.17 6.46
N LYS A 191 -15.47 -14.19 6.45
CA LYS A 191 -16.29 -15.01 7.30
CA LYS A 191 -16.23 -15.11 7.27
C LYS A 191 -17.25 -15.78 6.40
C LYS A 191 -17.24 -15.81 6.37
N LEU A 192 -17.83 -15.06 5.45
CA LEU A 192 -18.78 -15.65 4.52
C LEU A 192 -18.07 -16.66 3.60
N LEU A 193 -16.86 -16.33 3.17
CA LEU A 193 -16.10 -17.22 2.28
C LEU A 193 -15.70 -18.51 2.99
N ILE A 194 -15.41 -18.40 4.28
CA ILE A 194 -15.02 -19.61 5.03
C ILE A 194 -16.21 -20.54 5.18
N LYS A 195 -17.35 -19.98 5.57
N LYS A 195 -17.34 -19.95 5.55
CA LYS A 195 -18.54 -20.80 5.80
CA LYS A 195 -18.56 -20.70 5.79
C LYS A 195 -19.17 -21.37 4.53
C LYS A 195 -19.13 -21.35 4.53
N LYS A 196 -19.20 -20.58 3.45
CA LYS A 196 -19.81 -21.07 2.19
C LYS A 196 -18.90 -21.58 1.07
N TYR A 197 -17.62 -21.21 1.09
CA TYR A 197 -16.68 -21.62 0.05
C TYR A 197 -15.45 -22.35 0.60
N LYS A 198 -15.51 -22.74 1.87
CA LYS A 198 -14.41 -23.44 2.54
C LYS A 198 -13.05 -22.74 2.40
N LEU A 199 -13.04 -21.42 2.52
CA LEU A 199 -11.82 -20.67 2.46
C LEU A 199 -10.98 -21.09 3.66
N TYR A 200 -9.68 -21.26 3.42
CA TYR A 200 -8.71 -21.67 4.43
C TYR A 200 -8.97 -23.06 4.99
N GLU A 201 -9.68 -23.92 4.25
CA GLU A 201 -9.96 -25.29 4.70
C GLU A 201 -9.49 -26.31 3.67
N GLY A 202 -8.37 -26.02 3.01
CA GLY A 202 -7.80 -26.90 1.98
C GLY A 202 -8.53 -26.91 0.64
N SER A 203 -9.39 -25.92 0.40
CA SER A 203 -10.13 -25.84 -0.86
C SER A 203 -9.73 -24.55 -1.59
N ALA A 204 -9.97 -23.43 -0.93
CA ALA A 204 -9.59 -22.12 -1.45
C ALA A 204 -8.53 -21.69 -0.46
N ASP A 205 -7.46 -21.10 -0.96
CA ASP A 205 -6.33 -20.72 -0.11
C ASP A 205 -5.78 -19.32 -0.42
N LYS A 206 -5.80 -18.97 -1.70
CA LYS A 206 -5.29 -17.71 -2.14
C LYS A 206 -6.41 -17.00 -2.88
N GLY A 207 -6.17 -15.76 -3.26
CA GLY A 207 -7.17 -14.98 -3.97
C GLY A 207 -7.20 -13.53 -3.53
N ARG A 208 -8.30 -12.87 -3.86
CA ARG A 208 -8.46 -11.47 -3.51
C ARG A 208 -9.91 -11.03 -3.45
N ILE A 209 -10.12 -9.91 -2.76
CA ILE A 209 -11.40 -9.28 -2.65
C ILE A 209 -11.19 -7.93 -3.29
N VAL A 210 -12.07 -7.55 -4.20
CA VAL A 210 -11.98 -6.25 -4.86
C VAL A 210 -13.28 -5.49 -4.65
N ILE A 211 -13.19 -4.32 -4.05
CA ILE A 211 -14.35 -3.48 -3.80
C ILE A 211 -14.32 -2.39 -4.88
N ASN A 212 -15.30 -2.37 -5.76
CA ASN A 212 -15.37 -1.38 -6.83
C ASN A 212 -16.30 -0.25 -6.46
N MET A 213 -15.84 0.99 -6.61
CA MET A 213 -16.61 2.20 -6.27
C MET A 213 -17.23 2.81 -7.52
N LYS A 214 -18.26 3.63 -7.35
CA LYS A 214 -18.93 4.26 -8.48
C LYS A 214 -18.01 5.18 -9.26
N ASP A 215 -17.03 5.79 -8.62
CA ASP A 215 -16.07 6.66 -9.31
C ASP A 215 -14.91 5.85 -9.96
N GLU A 216 -15.00 4.52 -9.95
CA GLU A 216 -14.03 3.61 -10.57
C GLU A 216 -12.75 3.24 -9.81
N ASN A 217 -12.52 3.89 -8.67
CA ASN A 217 -11.42 3.52 -7.82
C ASN A 217 -11.73 2.16 -7.23
N LYS A 218 -10.71 1.43 -6.83
CA LYS A 218 -10.92 0.17 -6.16
C LYS A 218 -10.08 -0.03 -4.92
N TYR A 219 -10.58 -0.87 -4.04
CA TYR A 219 -9.85 -1.29 -2.87
C TYR A 219 -9.60 -2.75 -3.13
N GLU A 220 -8.38 -3.22 -2.96
CA GLU A 220 -8.08 -4.64 -3.16
C GLU A 220 -7.41 -5.24 -1.92
N ILE A 221 -7.82 -6.45 -1.55
CA ILE A 221 -7.28 -7.15 -0.40
C ILE A 221 -6.84 -8.57 -0.79
N ASP A 222 -5.62 -8.92 -0.40
CA ASP A 222 -5.08 -10.23 -0.69
C ASP A 222 -5.53 -11.20 0.40
N LEU A 223 -6.13 -12.31 0.00
CA LEU A 223 -6.60 -13.32 0.94
C LEU A 223 -5.50 -14.21 1.54
N SER A 224 -4.26 -14.09 1.06
CA SER A 224 -3.13 -14.91 1.56
C SER A 224 -2.67 -14.55 2.96
N ASP A 225 -2.99 -13.33 3.41
CA ASP A 225 -2.59 -12.89 4.74
C ASP A 225 -3.67 -11.97 5.35
N LYS A 226 -3.59 -11.71 6.64
CA LYS A 226 -4.58 -10.88 7.34
C LYS A 226 -4.55 -9.46 6.78
N LEU A 227 -5.65 -8.76 6.83
CA LEU A 227 -5.64 -7.38 6.34
C LEU A 227 -4.58 -6.58 7.13
N ASP A 228 -3.76 -5.81 6.42
N ASP A 228 -3.77 -5.82 6.42
CA ASP A 228 -2.72 -4.95 7.03
CA ASP A 228 -2.74 -4.96 7.02
C ASP A 228 -3.31 -4.13 8.16
C ASP A 228 -3.31 -4.11 8.16
N PHE A 229 -2.69 -4.18 9.35
CA PHE A 229 -3.17 -3.41 10.51
C PHE A 229 -3.35 -1.91 10.21
N GLU A 230 -2.49 -1.35 9.38
CA GLU A 230 -2.56 0.08 9.03
C GLU A 230 -3.68 0.42 8.04
N ARG A 231 -4.40 -0.60 7.54
CA ARG A 231 -5.51 -0.37 6.61
C ARG A 231 -6.87 -0.48 7.30
N MET A 232 -6.86 -0.98 8.53
CA MET A 232 -8.10 -1.20 9.26
C MET A 232 -8.84 0.06 9.68
N ALA A 233 -8.20 1.22 9.51
CA ALA A 233 -8.83 2.49 9.83
C ALA A 233 -9.42 3.14 8.58
N ASP A 234 -9.20 2.57 7.39
CA ASP A 234 -9.76 3.16 6.14
C ASP A 234 -11.27 3.03 6.16
N VAL A 235 -11.95 4.11 5.79
CA VAL A 235 -13.40 4.13 5.82
C VAL A 235 -13.94 4.37 4.43
N ILE A 236 -15.02 3.69 4.11
CA ILE A 236 -15.67 3.75 2.81
C ILE A 236 -17.15 4.18 2.90
N ASN A 237 -17.55 5.06 1.99
CA ASN A 237 -18.94 5.51 1.87
C ASN A 237 -19.73 4.41 1.15
N SER A 238 -20.50 3.63 1.93
CA SER A 238 -21.25 2.49 1.39
C SER A 238 -22.15 2.81 0.21
N GLU A 239 -22.71 4.01 0.16
CA GLU A 239 -23.55 4.39 -0.96
C GLU A 239 -22.75 4.40 -2.28
N GLN A 240 -21.45 4.63 -2.17
CA GLN A 240 -20.61 4.71 -3.35
C GLN A 240 -20.00 3.39 -3.80
N ILE A 241 -20.30 2.28 -3.12
CA ILE A 241 -19.78 0.98 -3.54
C ILE A 241 -20.64 0.47 -4.68
N LYS A 242 -20.03 0.24 -5.85
CA LYS A 242 -20.75 -0.28 -7.01
C LYS A 242 -20.96 -1.80 -6.92
N ASN A 243 -19.91 -2.52 -6.58
CA ASN A 243 -20.00 -3.99 -6.43
C ASN A 243 -18.77 -4.49 -5.72
N ILE A 244 -18.79 -5.77 -5.37
CA ILE A 244 -17.67 -6.40 -4.69
C ILE A 244 -17.45 -7.73 -5.40
N GLU A 245 -16.20 -8.02 -5.74
CA GLU A 245 -15.89 -9.24 -6.42
C GLU A 245 -14.77 -10.00 -5.72
N VAL A 246 -14.97 -11.29 -5.55
CA VAL A 246 -13.98 -12.15 -4.95
C VAL A 246 -13.50 -13.16 -5.99
N ASN A 247 -12.19 -13.32 -6.10
CA ASN A 247 -11.59 -14.32 -6.99
C ASN A 247 -10.81 -15.32 -6.13
N LEU A 248 -11.27 -16.56 -6.12
CA LEU A 248 -10.64 -17.62 -5.35
C LEU A 248 -9.69 -18.44 -6.22
N LYS A 249 -8.60 -18.89 -5.62
CA LYS A 249 -7.64 -19.74 -6.33
C LYS A 249 -6.88 -20.69 -5.39
N ARG B 56 18.66 -14.31 -22.09
CA ARG B 56 19.70 -13.64 -21.25
C ARG B 56 20.11 -12.31 -21.90
N LEU B 57 20.54 -12.38 -23.16
CA LEU B 57 20.99 -11.21 -23.93
C LEU B 57 19.85 -10.22 -24.23
N TYR B 58 18.64 -10.75 -24.44
CA TYR B 58 17.48 -9.90 -24.72
C TYR B 58 17.04 -9.09 -23.49
N ASP B 59 17.16 -9.68 -22.29
CA ASP B 59 16.76 -9.01 -21.03
C ASP B 59 17.69 -7.85 -20.68
N THR B 60 19.00 -8.10 -20.77
CA THR B 60 20.03 -7.10 -20.48
C THR B 60 19.85 -5.84 -21.32
N ASN B 61 19.55 -6.01 -22.61
CA ASN B 61 19.35 -4.88 -23.50
C ASN B 61 18.04 -4.14 -23.18
N LYS B 62 17.04 -4.88 -22.70
CA LYS B 62 15.78 -4.25 -22.29
C LYS B 62 16.07 -3.37 -21.06
N LEU B 63 16.87 -3.90 -20.13
CA LEU B 63 17.24 -3.13 -18.93
C LEU B 63 18.06 -1.90 -19.32
N HIS B 64 18.98 -2.07 -20.27
CA HIS B 64 19.81 -0.98 -20.74
C HIS B 64 19.00 0.15 -21.34
N GLN B 65 18.08 -0.15 -22.27
CA GLN B 65 17.27 0.91 -22.89
C GLN B 65 16.32 1.57 -21.90
N TYR B 66 15.84 0.81 -20.93
CA TYR B 66 14.92 1.33 -19.92
C TYR B 66 15.64 2.32 -19.00
N TYR B 67 16.72 1.85 -18.41
CA TYR B 67 17.48 2.67 -17.48
C TYR B 67 18.35 3.75 -18.12
N SER B 68 18.62 3.66 -19.42
CA SER B 68 19.37 4.70 -20.12
C SER B 68 18.39 5.60 -20.89
N GLY B 69 17.11 5.28 -20.79
CA GLY B 69 16.06 6.02 -21.48
C GLY B 69 15.55 7.24 -20.76
N PRO B 70 14.45 7.82 -21.28
CA PRO B 70 13.90 9.04 -20.70
C PRO B 70 13.19 8.88 -19.36
N SER B 71 13.10 10.00 -18.66
CA SER B 71 12.40 10.11 -17.40
C SER B 71 11.91 11.56 -17.37
N TYR B 72 10.92 11.84 -16.53
CA TYR B 72 10.33 13.16 -16.40
C TYR B 72 10.09 13.45 -14.93
N GLU B 73 10.25 14.69 -14.54
CA GLU B 73 10.04 15.08 -13.18
C GLU B 73 9.02 16.18 -13.16
N LEU B 74 7.88 15.88 -12.54
CA LEU B 74 6.83 16.85 -12.40
C LEU B 74 6.96 17.40 -11.00
N THR B 75 6.73 18.69 -10.86
CA THR B 75 6.85 19.32 -9.57
C THR B 75 5.59 20.08 -9.19
N ASN B 76 5.28 20.04 -7.91
CA ASN B 76 4.15 20.77 -7.36
C ASN B 76 2.84 20.54 -8.14
N VAL B 77 2.44 19.28 -8.28
CA VAL B 77 1.20 18.95 -9.00
C VAL B 77 0.04 18.54 -8.10
N SER B 78 -1.16 18.63 -8.65
CA SER B 78 -2.42 18.29 -7.99
C SER B 78 -3.15 17.19 -8.73
N GLY B 79 -3.94 16.43 -7.98
CA GLY B 79 -4.72 15.35 -8.59
C GLY B 79 -5.50 14.48 -7.63
N GLN B 80 -6.39 13.70 -8.21
CA GLN B 80 -7.23 12.77 -7.50
C GLN B 80 -7.26 11.47 -8.30
N SER B 81 -7.16 10.32 -7.61
CA SER B 81 -7.14 9.05 -8.32
C SER B 81 -8.45 8.68 -8.96
N GLN B 82 -8.34 7.93 -10.05
CA GLN B 82 -9.51 7.42 -10.74
C GLN B 82 -9.20 6.00 -11.19
N GLY B 83 -10.15 5.37 -11.87
CA GLY B 83 -9.98 4.01 -12.33
C GLY B 83 -9.62 3.94 -13.80
N TYR B 84 -8.89 2.88 -14.12
CA TYR B 84 -8.49 2.57 -15.47
C TYR B 84 -8.30 1.04 -15.42
N TYR B 85 -9.25 0.34 -16.01
CA TYR B 85 -9.25 -1.11 -15.98
C TYR B 85 -9.09 -1.59 -14.54
N ASP B 86 -8.13 -2.46 -14.29
CA ASP B 86 -7.97 -3.05 -12.95
C ASP B 86 -7.21 -2.18 -11.97
N SER B 87 -6.91 -0.94 -12.27
CA SER B 87 -6.14 -0.18 -11.32
C SER B 87 -6.57 1.25 -11.09
N ASN B 88 -6.02 1.81 -10.01
CA ASN B 88 -6.23 3.19 -9.65
C ASN B 88 -5.11 3.99 -10.28
N VAL B 89 -5.45 5.10 -10.92
CA VAL B 89 -4.45 5.94 -11.56
C VAL B 89 -4.65 7.42 -11.33
N LEU B 90 -3.59 8.19 -11.57
CA LEU B 90 -3.64 9.66 -11.50
C LEU B 90 -3.29 10.18 -12.87
N LEU B 91 -4.04 11.16 -13.35
CA LEU B 91 -3.77 11.78 -14.65
C LEU B 91 -3.30 13.23 -14.51
N PHE B 92 -2.19 13.56 -15.17
CA PHE B 92 -1.62 14.93 -15.16
C PHE B 92 -1.32 15.38 -16.57
N ASN B 93 -1.31 16.69 -16.76
CA ASN B 93 -0.97 17.34 -18.03
C ASN B 93 -0.03 18.51 -17.74
N GLN B 94 1.19 18.25 -17.26
CA GLN B 94 2.17 19.32 -16.96
C GLN B 94 3.13 19.54 -18.13
N GLN B 95 3.61 20.78 -18.30
CA GLN B 95 4.50 21.12 -19.41
C GLN B 95 3.61 21.01 -20.64
N ASN B 96 4.05 20.27 -21.65
CA ASN B 96 3.24 20.01 -22.83
C ASN B 96 3.37 18.50 -23.07
N GLN B 97 3.05 17.75 -22.02
CA GLN B 97 3.14 16.30 -22.03
C GLN B 97 2.00 15.74 -21.15
N LYS B 98 1.44 14.59 -21.53
CA LYS B 98 0.34 13.98 -20.78
C LYS B 98 0.80 12.69 -20.07
N PHE B 99 0.35 12.50 -18.82
CA PHE B 99 0.77 11.32 -18.04
C PHE B 99 -0.38 10.56 -17.37
N GLN B 100 -0.15 9.28 -17.13
CA GLN B 100 -1.08 8.44 -16.41
C GLN B 100 -0.22 7.57 -15.48
N VAL B 101 -0.30 7.87 -14.18
CA VAL B 101 0.49 7.18 -13.16
C VAL B 101 -0.35 6.12 -12.47
N PHE B 102 0.13 4.89 -12.52
CA PHE B 102 -0.49 3.73 -11.92
C PHE B 102 -0.06 3.62 -10.48
N LEU B 103 -1.03 3.58 -9.58
CA LEU B 103 -0.76 3.51 -8.15
C LEU B 103 -0.82 2.03 -7.80
N LEU B 104 0.34 1.39 -7.94
CA LEU B 104 0.48 -0.07 -7.76
C LEU B 104 1.07 -0.58 -6.46
N GLY B 105 1.42 0.30 -5.52
CA GLY B 105 1.97 -0.20 -4.25
C GLY B 105 1.24 0.41 -3.07
N LYS B 106 2.01 1.01 -2.17
CA LYS B 106 1.45 1.65 -0.97
C LYS B 106 0.62 2.90 -1.34
N ASP B 107 0.76 3.37 -2.58
CA ASP B 107 0.02 4.53 -3.06
C ASP B 107 -1.37 4.24 -3.59
N GLU B 108 -1.73 2.95 -3.73
CA GLU B 108 -3.02 2.57 -4.32
C GLU B 108 -4.27 3.42 -3.92
N ASN B 109 -4.48 3.60 -2.63
CA ASN B 109 -5.61 4.39 -2.15
C ASN B 109 -5.19 5.71 -1.48
N LYS B 110 -3.92 6.08 -1.62
CA LYS B 110 -3.43 7.32 -0.99
C LYS B 110 -4.00 8.61 -1.56
N TYR B 111 -4.46 8.57 -2.79
CA TYR B 111 -4.93 9.79 -3.41
C TYR B 111 -6.40 9.85 -3.78
N LYS B 112 -7.24 9.23 -2.96
N LYS B 112 -7.27 9.20 -3.00
CA LYS B 112 -8.70 9.22 -3.17
CA LYS B 112 -8.71 9.22 -3.31
C LYS B 112 -9.28 10.62 -3.17
C LYS B 112 -9.35 10.61 -3.11
N GLU B 113 -8.74 11.45 -2.29
CA GLU B 113 -9.18 12.82 -2.13
C GLU B 113 -8.23 13.64 -2.99
N LYS B 114 -8.67 14.80 -3.44
CA LYS B 114 -7.78 15.65 -4.21
C LYS B 114 -6.59 15.98 -3.31
N THR B 115 -5.39 15.84 -3.86
CA THR B 115 -4.16 16.05 -3.14
C THR B 115 -3.32 17.07 -3.89
N HIS B 116 -2.71 18.00 -3.18
CA HIS B 116 -1.91 19.07 -3.77
C HIS B 116 -0.44 19.05 -3.36
N GLY B 117 0.36 19.82 -4.10
CA GLY B 117 1.79 19.95 -3.82
C GLY B 117 2.58 18.66 -3.93
N LEU B 118 2.31 17.90 -4.99
CA LEU B 118 2.99 16.64 -5.21
C LEU B 118 4.11 16.75 -6.23
N ASP B 119 5.10 15.91 -6.08
CA ASP B 119 6.20 15.77 -7.05
C ASP B 119 6.00 14.35 -7.61
N VAL B 120 6.35 14.17 -8.88
CA VAL B 120 6.20 12.90 -9.55
C VAL B 120 7.39 12.60 -10.45
N PHE B 121 7.97 11.42 -10.23
CA PHE B 121 9.07 10.94 -11.04
C PHE B 121 8.45 9.91 -11.98
N ALA B 122 8.45 10.24 -13.27
CA ALA B 122 7.87 9.39 -14.28
C ALA B 122 8.88 8.78 -15.28
N VAL B 123 8.69 7.49 -15.56
CA VAL B 123 9.50 6.74 -16.50
C VAL B 123 8.48 6.02 -17.32
N PRO B 124 8.58 6.10 -18.65
CA PRO B 124 7.56 5.45 -19.47
C PRO B 124 7.67 3.94 -19.59
N GLU B 125 6.60 3.24 -19.23
CA GLU B 125 6.51 1.79 -19.43
C GLU B 125 6.03 1.61 -20.86
N LEU B 126 5.22 2.56 -21.32
CA LEU B 126 4.68 2.58 -22.69
C LEU B 126 3.99 3.94 -22.91
N VAL B 127 3.74 4.27 -24.17
CA VAL B 127 3.05 5.52 -24.54
C VAL B 127 1.79 5.06 -25.24
N ASP B 128 0.63 5.54 -24.81
CA ASP B 128 -0.60 5.07 -25.42
C ASP B 128 -0.79 5.69 -26.80
N LEU B 129 -1.82 5.22 -27.49
CA LEU B 129 -2.11 5.68 -28.84
C LEU B 129 -2.32 7.19 -28.95
N ASP B 130 -2.85 7.81 -27.89
CA ASP B 130 -3.09 9.26 -27.90
C ASP B 130 -1.86 10.04 -27.40
N GLY B 131 -0.77 9.34 -27.11
CA GLY B 131 0.47 9.99 -26.65
C GLY B 131 0.60 10.16 -25.13
N ARG B 132 -0.32 9.62 -24.35
CA ARG B 132 -0.24 9.75 -22.89
C ARG B 132 0.79 8.74 -22.36
N ILE B 133 1.70 9.20 -21.49
CA ILE B 133 2.74 8.39 -20.94
C ILE B 133 2.28 7.58 -19.72
N PHE B 134 2.41 6.26 -19.80
CA PHE B 134 2.05 5.35 -18.69
C PHE B 134 3.29 5.17 -17.84
N SER B 135 3.17 5.45 -16.56
CA SER B 135 4.28 5.32 -15.62
C SER B 135 3.73 4.75 -14.34
N VAL B 136 4.61 4.13 -13.54
CA VAL B 136 4.19 3.52 -12.26
C VAL B 136 4.67 4.27 -11.00
N SER B 137 3.73 4.62 -10.14
CA SER B 137 4.01 5.28 -8.88
C SER B 137 4.97 6.50 -8.96
N GLY B 138 5.97 6.53 -8.08
CA GLY B 138 6.92 7.62 -8.01
C GLY B 138 6.35 8.96 -7.57
N VAL B 139 5.31 8.93 -6.72
CA VAL B 139 4.66 10.15 -6.25
C VAL B 139 5.16 10.50 -4.85
N THR B 140 5.54 11.75 -4.65
CA THR B 140 6.01 12.20 -3.35
C THR B 140 5.53 13.62 -3.05
N LYS B 141 5.78 14.06 -1.83
CA LYS B 141 5.46 15.41 -1.40
C LYS B 141 6.65 16.27 -1.79
N LYS B 142 6.36 17.52 -2.16
CA LYS B 142 7.39 18.45 -2.62
C LYS B 142 8.28 18.92 -1.45
N ASN B 143 9.35 19.64 -1.77
CA ASN B 143 10.26 20.18 -0.78
C ASN B 143 9.67 21.39 -0.07
N VAL B 144 10.01 21.53 1.21
CA VAL B 144 9.60 22.68 2.01
C VAL B 144 10.78 23.64 2.19
N LYS B 145 11.99 23.14 1.94
CA LYS B 145 13.21 23.94 2.06
C LYS B 145 14.08 23.88 0.80
N SER B 146 15.08 24.75 0.72
CA SER B 146 16.01 24.79 -0.41
C SER B 146 16.79 23.47 -0.48
N ILE B 147 17.27 23.15 -1.67
CA ILE B 147 18.00 21.90 -1.89
C ILE B 147 19.35 21.85 -1.20
N PHE B 148 19.90 23.00 -0.82
CA PHE B 148 21.21 23.04 -0.14
C PHE B 148 21.11 23.18 1.38
N GLU B 149 19.89 23.27 1.89
CA GLU B 149 19.66 23.42 3.31
C GLU B 149 19.83 22.04 3.93
N SER B 150 20.74 21.92 4.88
CA SER B 150 21.03 20.62 5.48
C SER B 150 21.37 19.68 4.31
N LEU B 151 22.17 20.20 3.39
CA LEU B 151 22.63 19.51 2.18
C LEU B 151 22.75 17.98 2.33
N ARG B 152 22.13 17.25 1.39
CA ARG B 152 22.13 15.75 1.41
C ARG B 152 23.02 15.11 0.36
N THR B 153 24.21 14.70 0.76
CA THR B 153 25.16 14.07 -0.14
C THR B 153 25.68 12.77 0.46
N PRO B 154 24.79 11.79 0.66
CA PRO B 154 25.27 10.54 1.19
C PRO B 154 26.32 9.93 0.27
N ASN B 155 27.23 9.19 0.87
CA ASN B 155 28.29 8.57 0.14
C ASN B 155 27.73 7.48 -0.76
N LEU B 156 28.25 7.42 -1.97
CA LEU B 156 27.91 6.41 -2.96
C LEU B 156 29.20 5.63 -3.27
N LEU B 157 29.22 4.37 -2.87
CA LEU B 157 30.34 3.50 -3.05
C LEU B 157 30.04 2.51 -4.17
N VAL B 158 30.82 2.55 -5.26
CA VAL B 158 30.63 1.60 -6.36
C VAL B 158 31.84 0.68 -6.40
N LYS B 159 31.60 -0.61 -6.19
CA LYS B 159 32.66 -1.59 -6.16
C LYS B 159 32.49 -2.70 -7.20
N LYS B 160 33.62 -3.33 -7.53
CA LYS B 160 33.65 -4.45 -8.45
C LYS B 160 34.98 -5.19 -8.25
N ILE B 161 35.00 -6.16 -7.34
CA ILE B 161 36.19 -6.96 -7.07
C ILE B 161 35.94 -8.39 -7.48
N ASP B 162 36.61 -8.81 -8.54
CA ASP B 162 36.47 -10.14 -9.07
C ASP B 162 37.66 -10.42 -9.99
N ASP B 163 37.53 -11.40 -10.88
CA ASP B 163 38.61 -11.76 -11.79
C ASP B 163 39.02 -10.65 -12.80
N LYS B 164 38.04 -9.94 -13.35
CA LYS B 164 38.31 -8.90 -14.36
C LYS B 164 38.74 -7.54 -13.77
N ASP B 165 38.05 -7.08 -12.74
CA ASP B 165 38.37 -5.78 -12.12
C ASP B 165 38.74 -5.88 -10.64
N GLY B 166 39.10 -4.74 -10.08
CA GLY B 166 39.45 -4.66 -8.69
C GLY B 166 39.37 -3.19 -8.28
N PHE B 167 38.15 -2.68 -8.15
CA PHE B 167 38.05 -1.30 -7.76
C PHE B 167 36.92 -0.99 -6.80
N SER B 168 37.07 0.16 -6.15
N SER B 168 37.09 0.14 -6.12
CA SER B 168 36.12 0.67 -5.23
CA SER B 168 36.14 0.69 -5.19
C SER B 168 36.17 2.18 -5.38
C SER B 168 36.18 2.19 -5.39
N ILE B 169 35.08 2.77 -5.87
CA ILE B 169 35.02 4.23 -6.08
C ILE B 169 34.00 4.76 -5.07
N ASP B 170 34.34 5.81 -4.33
CA ASP B 170 33.43 6.36 -3.33
C ASP B 170 33.15 7.81 -3.64
N GLU B 171 32.04 7.99 -4.35
CA GLU B 171 31.54 9.28 -4.78
C GLU B 171 30.54 9.74 -3.72
N PHE B 172 29.53 10.48 -4.17
CA PHE B 172 28.44 10.96 -3.33
C PHE B 172 27.30 11.20 -4.30
N PHE B 173 26.10 11.01 -3.80
CA PHE B 173 24.91 11.14 -4.60
C PHE B 173 24.11 12.34 -4.07
N PHE B 174 24.00 13.40 -4.87
CA PHE B 174 23.26 14.61 -4.46
C PHE B 174 21.76 14.36 -4.59
N ILE B 175 21.09 14.13 -3.46
CA ILE B 175 19.63 13.91 -3.43
C ILE B 175 18.95 15.25 -3.15
N GLN B 176 18.30 15.77 -4.16
CA GLN B 176 17.64 17.09 -4.08
C GLN B 176 16.33 17.13 -3.35
N LYS B 177 15.63 16.01 -3.28
CA LYS B 177 14.35 15.98 -2.61
C LYS B 177 14.39 15.43 -1.17
N GLU B 178 13.64 16.09 -0.30
CA GLU B 178 13.51 15.73 1.12
C GLU B 178 12.83 14.36 1.21
N GLU B 179 11.82 14.16 0.37
CA GLU B 179 11.10 12.88 0.26
C GLU B 179 11.31 12.35 -1.17
N VAL B 180 11.97 11.19 -1.28
CA VAL B 180 12.29 10.60 -2.59
C VAL B 180 11.77 9.19 -2.69
N SER B 181 11.19 8.88 -3.85
CA SER B 181 10.66 7.54 -4.10
C SER B 181 11.78 6.58 -4.39
N LEU B 182 11.57 5.31 -4.06
CA LEU B 182 12.60 4.31 -4.31
C LEU B 182 12.78 4.21 -5.84
N LYS B 183 11.69 4.47 -6.56
CA LYS B 183 11.69 4.49 -8.00
C LYS B 183 12.77 5.42 -8.52
N GLU B 184 12.74 6.67 -8.06
CA GLU B 184 13.70 7.67 -8.48
C GLU B 184 15.15 7.29 -8.13
N LEU B 185 15.35 6.86 -6.89
CA LEU B 185 16.69 6.44 -6.48
C LEU B 185 17.15 5.34 -7.40
N ASP B 186 16.33 4.31 -7.55
CA ASP B 186 16.66 3.18 -8.43
C ASP B 186 17.04 3.64 -9.82
N PHE B 187 16.21 4.47 -10.42
CA PHE B 187 16.45 4.90 -11.78
C PHE B 187 17.74 5.72 -11.96
N LYS B 188 17.94 6.69 -11.09
CA LYS B 188 19.12 7.55 -11.17
C LYS B 188 20.42 6.81 -10.88
N ILE B 189 20.38 5.88 -9.93
CA ILE B 189 21.58 5.11 -9.64
C ILE B 189 21.95 4.30 -10.87
N ARG B 190 20.99 3.58 -11.44
CA ARG B 190 21.30 2.72 -12.59
C ARG B 190 21.73 3.49 -13.83
N LYS B 191 21.08 4.63 -14.05
N LYS B 191 21.07 4.63 -14.10
CA LYS B 191 21.39 5.51 -15.18
CA LYS B 191 21.45 5.46 -15.26
C LYS B 191 22.87 5.92 -15.12
C LYS B 191 22.91 5.89 -15.14
N LEU B 192 23.33 6.21 -13.91
CA LEU B 192 24.70 6.61 -13.66
C LEU B 192 25.65 5.40 -13.79
N LEU B 193 25.22 4.22 -13.34
CA LEU B 193 26.05 3.01 -13.46
C LEU B 193 26.25 2.65 -14.92
N ILE B 194 25.24 2.88 -15.74
CA ILE B 194 25.32 2.59 -17.15
C ILE B 194 26.28 3.53 -17.84
N LYS B 195 26.15 4.80 -17.50
CA LYS B 195 26.93 5.84 -18.11
C LYS B 195 28.41 5.78 -17.69
N LYS B 196 28.68 5.56 -16.40
CA LYS B 196 30.07 5.51 -15.92
C LYS B 196 30.70 4.12 -15.79
N TYR B 197 29.90 3.11 -15.48
CA TYR B 197 30.48 1.79 -15.26
C TYR B 197 30.04 0.73 -16.23
N LYS B 198 29.43 1.16 -17.32
CA LYS B 198 29.00 0.29 -18.41
C LYS B 198 28.07 -0.84 -18.00
N LEU B 199 27.24 -0.60 -16.98
CA LEU B 199 26.28 -1.61 -16.53
C LEU B 199 25.39 -2.01 -17.71
N TYR B 200 25.13 -3.30 -17.85
CA TYR B 200 24.34 -3.89 -18.95
C TYR B 200 24.97 -3.59 -20.31
N GLU B 201 26.29 -3.51 -20.37
CA GLU B 201 26.94 -3.11 -21.60
C GLU B 201 28.18 -3.95 -21.93
N GLY B 202 28.36 -5.08 -21.24
CA GLY B 202 29.50 -5.94 -21.51
C GLY B 202 29.86 -6.91 -20.40
N SER B 203 30.53 -6.41 -19.36
CA SER B 203 30.97 -7.23 -18.23
C SER B 203 30.05 -7.06 -17.02
N ALA B 204 29.56 -5.84 -16.80
CA ALA B 204 28.65 -5.53 -15.69
C ALA B 204 27.21 -5.83 -16.10
N ASP B 205 26.70 -6.97 -15.64
CA ASP B 205 25.37 -7.47 -15.96
C ASP B 205 24.46 -7.70 -14.73
N LYS B 206 25.06 -8.12 -13.62
CA LYS B 206 24.33 -8.45 -12.39
C LYS B 206 24.84 -7.56 -11.26
N GLY B 207 24.33 -7.80 -10.06
CA GLY B 207 24.76 -7.06 -8.88
C GLY B 207 23.62 -6.56 -8.03
N ARG B 208 23.94 -5.66 -7.10
CA ARG B 208 22.93 -5.10 -6.22
C ARG B 208 23.22 -3.70 -5.73
N ILE B 209 22.13 -3.01 -5.41
CA ILE B 209 22.17 -1.71 -4.84
C ILE B 209 21.63 -1.87 -3.43
N VAL B 210 22.36 -1.35 -2.44
CA VAL B 210 21.95 -1.38 -1.04
C VAL B 210 21.89 0.08 -0.54
N ILE B 211 20.73 0.48 -0.06
CA ILE B 211 20.55 1.83 0.48
C ILE B 211 20.50 1.67 2.01
N ASN B 212 21.56 2.09 2.68
CA ASN B 212 21.63 1.99 4.13
C ASN B 212 21.07 3.24 4.81
N MET B 213 20.13 3.03 5.71
CA MET B 213 19.48 4.13 6.42
C MET B 213 20.21 4.29 7.74
N LYS B 214 20.10 5.47 8.33
CA LYS B 214 20.77 5.74 9.60
C LYS B 214 20.31 4.82 10.75
N ASP B 215 19.09 4.31 10.71
CA ASP B 215 18.61 3.43 11.80
C ASP B 215 18.96 1.94 11.57
N GLU B 216 19.90 1.69 10.65
CA GLU B 216 20.40 0.35 10.28
C GLU B 216 19.46 -0.48 9.40
N ASN B 217 18.28 0.06 9.09
CA ASN B 217 17.36 -0.62 8.18
C ASN B 217 17.93 -0.38 6.77
N LYS B 218 17.40 -1.08 5.76
CA LYS B 218 17.91 -0.92 4.41
C LYS B 218 16.98 -1.36 3.29
N TYR B 219 17.27 -0.88 2.10
CA TYR B 219 16.51 -1.26 0.90
C TYR B 219 17.52 -1.94 0.03
N GLU B 220 17.18 -3.12 -0.47
CA GLU B 220 18.11 -3.83 -1.32
C GLU B 220 17.45 -4.04 -2.67
N ILE B 221 18.23 -3.80 -3.73
CA ILE B 221 17.73 -3.92 -5.10
C ILE B 221 18.66 -4.75 -5.96
N ASP B 222 18.11 -5.74 -6.62
CA ASP B 222 18.83 -6.63 -7.49
C ASP B 222 18.95 -6.00 -8.89
N LEU B 223 20.17 -5.88 -9.39
CA LEU B 223 20.39 -5.29 -10.73
C LEU B 223 20.03 -6.21 -11.91
N SER B 224 19.79 -7.49 -11.63
N SER B 224 19.79 -7.49 -11.63
CA SER B 224 19.44 -8.47 -12.67
CA SER B 224 19.45 -8.47 -12.66
C SER B 224 18.08 -8.22 -13.32
C SER B 224 18.08 -8.23 -13.30
N ASP B 225 17.21 -7.47 -12.64
CA ASP B 225 15.88 -7.19 -13.21
C ASP B 225 15.42 -5.80 -12.84
N LYS B 226 14.30 -5.39 -13.44
CA LYS B 226 13.73 -4.10 -13.20
C LYS B 226 13.15 -4.08 -11.78
N LEU B 227 13.21 -2.91 -11.14
CA LEU B 227 12.62 -2.76 -9.80
C LEU B 227 11.18 -3.21 -9.85
N ASP B 228 10.77 -4.07 -8.92
CA ASP B 228 9.38 -4.57 -8.84
C ASP B 228 8.40 -3.41 -8.80
N PHE B 229 7.34 -3.46 -9.62
CA PHE B 229 6.37 -2.35 -9.66
C PHE B 229 5.76 -2.01 -8.30
N GLU B 230 5.59 -2.99 -7.42
CA GLU B 230 4.98 -2.73 -6.11
C GLU B 230 5.91 -1.96 -5.17
N ARG B 231 7.19 -1.87 -5.52
CA ARG B 231 8.13 -1.13 -4.69
C ARG B 231 8.35 0.32 -5.14
N MET B 232 7.72 0.72 -6.24
CA MET B 232 7.92 2.09 -6.77
C MET B 232 7.24 3.23 -5.98
N ALA B 233 6.32 2.87 -5.10
CA ALA B 233 5.65 3.85 -4.24
C ALA B 233 6.32 3.97 -2.86
N ASP B 234 7.38 3.20 -2.61
CA ASP B 234 8.09 3.32 -1.32
C ASP B 234 8.76 4.69 -1.26
N VAL B 235 8.39 5.49 -0.25
CA VAL B 235 8.93 6.83 -0.09
C VAL B 235 9.94 6.81 1.05
N ILE B 236 11.01 7.53 0.84
CA ILE B 236 12.12 7.57 1.75
C ILE B 236 12.50 8.99 2.11
N ASN B 237 12.68 9.19 3.42
CA ASN B 237 13.11 10.44 3.98
C ASN B 237 14.62 10.49 3.68
N SER B 238 14.98 11.38 2.76
CA SER B 238 16.34 11.53 2.26
C SER B 238 17.39 11.82 3.30
N GLU B 239 17.00 12.59 4.32
N GLU B 239 17.03 12.60 4.32
CA GLU B 239 17.92 12.96 5.39
CA GLU B 239 18.01 12.96 5.32
C GLU B 239 18.33 11.76 6.24
C GLU B 239 18.36 11.74 6.20
N GLN B 240 17.58 10.65 6.10
CA GLN B 240 17.87 9.43 6.86
C GLN B 240 18.72 8.41 6.10
N ILE B 241 19.10 8.72 4.87
CA ILE B 241 19.95 7.80 4.12
C ILE B 241 21.37 8.00 4.61
N LYS B 242 22.01 6.93 5.09
CA LYS B 242 23.37 6.99 5.59
C LYS B 242 24.37 6.91 4.45
N ASN B 243 24.20 5.90 3.60
CA ASN B 243 25.08 5.73 2.47
C ASN B 243 24.45 4.78 1.50
N ILE B 244 25.02 4.69 0.31
CA ILE B 244 24.53 3.77 -0.71
C ILE B 244 25.72 2.99 -1.18
N GLU B 245 25.57 1.68 -1.25
CA GLU B 245 26.65 0.79 -1.67
C GLU B 245 26.26 -0.07 -2.87
N VAL B 246 26.96 0.11 -3.99
CA VAL B 246 26.72 -0.69 -5.17
C VAL B 246 27.81 -1.75 -5.38
N ASN B 247 27.37 -3.00 -5.49
N ASN B 247 27.38 -3.01 -5.49
CA ASN B 247 28.26 -4.14 -5.75
CA ASN B 247 28.28 -4.14 -5.73
C ASN B 247 27.97 -4.68 -7.13
C ASN B 247 27.99 -4.70 -7.12
N LEU B 248 28.90 -4.49 -8.07
CA LEU B 248 28.72 -4.97 -9.45
C LEU B 248 29.40 -6.33 -9.65
N LYS B 249 28.76 -7.20 -10.41
CA LYS B 249 29.32 -8.54 -10.72
C LYS B 249 28.83 -9.05 -12.07
#